data_7Z8Z
#
_entry.id   7Z8Z
#
_cell.length_a   27.054
_cell.length_b   43.992
_cell.length_c   178.712
_cell.angle_alpha   90.000
_cell.angle_beta   90.000
_cell.angle_gamma   90.000
#
_symmetry.space_group_name_H-M   'P 21 21 21'
#
loop_
_entity.id
_entity.type
_entity.pdbx_description
1 polymer 'Heat shock factor 2-binding protein'
2 polymer 'Break repair meiotic recombinase recruitment factor 1'
3 water water
#
loop_
_entity_poly.entity_id
_entity_poly.type
_entity_poly.pdbx_seq_one_letter_code
_entity_poly.pdbx_strand_id
1 'polypeptide(L)' GSMEEFVKVRKKDLERLTTEVMQIRDFLPRILNGELLESFQKLKMVEKNLERKEQELEQLIMD A,C
2 'polypeptide(L)' GSMRMQDATDTVRGLVVELSGLNRLIMSTHRDLEAFKR B,D
#
# COMPACT_ATOMS: atom_id res chain seq x y z
N MET A 3 18.23 -31.53 12.21
CA MET A 3 17.95 -30.55 11.15
C MET A 3 16.79 -29.63 11.54
N GLU A 4 16.57 -28.59 10.74
CA GLU A 4 15.44 -27.70 10.97
C GLU A 4 14.16 -28.35 10.49
N GLU A 5 13.10 -28.20 11.29
CA GLU A 5 11.88 -28.97 11.10
C GLU A 5 11.13 -28.52 9.86
N PHE A 6 10.50 -29.47 9.18
CA PHE A 6 9.59 -29.19 8.08
C PHE A 6 8.15 -29.17 8.56
N VAL A 7 7.32 -28.40 7.86
CA VAL A 7 5.87 -28.53 7.90
C VAL A 7 5.41 -28.84 6.47
N LYS A 8 4.22 -29.38 6.34
CA LYS A 8 3.66 -29.67 5.02
C LYS A 8 2.50 -28.74 4.73
N VAL A 9 2.32 -28.46 3.43
CA VAL A 9 1.32 -27.54 2.91
C VAL A 9 0.79 -28.11 1.60
N ARG A 10 -0.53 -28.10 1.42
CA ARG A 10 -1.08 -28.49 0.13
C ARG A 10 -0.47 -27.62 -0.96
N LYS A 11 0.03 -28.28 -2.01
CA LYS A 11 0.74 -27.59 -3.10
C LYS A 11 -0.11 -26.46 -3.69
N LYS A 12 -1.39 -26.72 -3.92
CA LYS A 12 -2.23 -25.72 -4.57
C LYS A 12 -2.42 -24.49 -3.69
N ASP A 13 -2.42 -24.66 -2.37
CA ASP A 13 -2.59 -23.50 -1.50
C ASP A 13 -1.34 -22.65 -1.47
N LEU A 14 -0.16 -23.27 -1.54
CA LEU A 14 1.06 -22.48 -1.66
C LEU A 14 1.09 -21.72 -2.99
N GLU A 15 0.60 -22.35 -4.06
CA GLU A 15 0.56 -21.65 -5.35
C GLU A 15 -0.31 -20.41 -5.28
N ARG A 16 -1.45 -20.51 -4.59
CA ARG A 16 -2.31 -19.35 -4.40
C ARG A 16 -1.57 -18.25 -3.65
N LEU A 17 -0.88 -18.61 -2.56
CA LEU A 17 -0.12 -17.61 -1.81
C LEU A 17 0.88 -16.91 -2.72
N THR A 18 1.59 -17.67 -3.56
CA THR A 18 2.53 -17.06 -4.48
C THR A 18 1.83 -16.07 -5.40
N THR A 19 0.69 -16.46 -5.96
CA THR A 19 -0.06 -15.58 -6.85
C THR A 19 -0.39 -14.26 -6.16
N GLU A 20 -0.87 -14.33 -4.92
CA GLU A 20 -1.29 -13.12 -4.21
C GLU A 20 -0.09 -12.24 -3.88
N VAL A 21 1.03 -12.84 -3.49
CA VAL A 21 2.24 -12.07 -3.22
C VAL A 21 2.68 -11.33 -4.48
N MET A 22 2.61 -11.99 -5.63
CA MET A 22 3.15 -11.37 -6.84
C MET A 22 2.26 -10.25 -7.34
N GLN A 23 0.97 -10.28 -6.99
CA GLN A 23 0.09 -9.18 -7.39
C GLN A 23 0.39 -7.94 -6.56
N ILE A 24 0.72 -8.11 -5.28
CA ILE A 24 1.18 -6.97 -4.49
C ILE A 24 2.45 -6.40 -5.10
N ARG A 25 3.42 -7.28 -5.40
CA ARG A 25 4.65 -6.87 -6.08
C ARG A 25 4.32 -6.02 -7.30
N ASP A 26 3.32 -6.44 -8.07
CA ASP A 26 3.03 -5.77 -9.34
C ASP A 26 2.47 -4.37 -9.16
N PHE A 27 1.52 -4.21 -8.23
CA PHE A 27 0.74 -2.99 -8.16
C PHE A 27 1.05 -2.06 -6.98
N LEU A 28 1.57 -2.57 -5.88
CA LEU A 28 1.79 -1.67 -4.74
C LEU A 28 2.72 -0.51 -5.07
N PRO A 29 3.85 -0.70 -5.78
CA PRO A 29 4.69 0.46 -6.12
C PRO A 29 4.05 1.45 -7.08
N ARG A 30 2.97 1.09 -7.76
CA ARG A 30 2.26 2.03 -8.61
C ARG A 30 1.34 2.95 -7.82
N ILE A 31 1.18 2.71 -6.52
CA ILE A 31 0.53 3.65 -5.61
C ILE A 31 1.53 4.27 -4.65
N LEU A 32 2.37 3.44 -4.04
CA LEU A 32 3.30 3.91 -3.03
C LEU A 32 4.55 4.39 -3.75
N ASN A 33 4.63 5.70 -3.96
CA ASN A 33 5.77 6.36 -4.59
C ASN A 33 5.70 7.82 -4.20
N GLY A 34 6.66 8.61 -4.68
CA GLY A 34 6.79 9.98 -4.25
C GLY A 34 5.61 10.87 -4.60
N GLU A 35 4.69 10.41 -5.43
CA GLU A 35 3.59 11.27 -5.85
C GLU A 35 2.59 11.52 -4.74
N LEU A 36 2.49 10.63 -3.75
CA LEU A 36 1.57 10.87 -2.64
C LEU A 36 2.04 12.05 -1.79
N LEU A 37 3.29 12.00 -1.31
CA LEU A 37 3.81 13.11 -0.50
C LEU A 37 3.80 14.41 -1.30
N GLU A 38 4.18 14.36 -2.57
CA GLU A 38 4.19 15.57 -3.39
C GLU A 38 2.81 16.19 -3.44
N SER A 39 1.75 15.37 -3.49
CA SER A 39 0.40 15.93 -3.54
C SER A 39 0.05 16.63 -2.23
N PHE A 40 0.40 16.03 -1.10
CA PHE A 40 0.13 16.68 0.18
C PHE A 40 0.92 17.98 0.31
N GLN A 41 2.19 17.97 -0.08
CA GLN A 41 2.99 19.18 -0.03
C GLN A 41 2.42 20.26 -0.92
N LYS A 42 1.95 19.88 -2.11
CA LYS A 42 1.38 20.85 -3.03
C LYS A 42 0.07 21.43 -2.51
N LEU A 43 -0.74 20.60 -1.84
CA LEU A 43 -2.00 21.07 -1.28
C LEU A 43 -1.76 22.11 -0.20
N LYS A 44 -0.82 21.84 0.71
CA LYS A 44 -0.54 22.80 1.79
C LYS A 44 -0.03 24.12 1.24
N MET A 45 0.69 24.09 0.12
CA MET A 45 1.23 25.32 -0.45
C MET A 45 0.12 26.19 -1.04
N VAL A 46 -0.78 25.57 -1.81
CA VAL A 46 -1.85 26.35 -2.43
C VAL A 46 -2.84 26.85 -1.39
N GLU A 47 -3.06 26.08 -0.32
CA GLU A 47 -3.93 26.53 0.75
C GLU A 47 -3.43 27.83 1.36
N LYS A 48 -2.11 27.93 1.58
CA LYS A 48 -1.57 29.16 2.15
C LYS A 48 -1.64 30.31 1.15
N ASN A 49 -1.46 30.02 -0.14
CA ASN A 49 -1.56 31.07 -1.15
C ASN A 49 -3.01 31.53 -1.32
N LEU A 50 -3.98 30.61 -1.19
CA LEU A 50 -5.37 31.01 -1.22
C LEU A 50 -5.73 31.83 0.02
N GLU A 51 -5.23 31.42 1.19
CA GLU A 51 -5.46 32.20 2.40
C GLU A 51 -4.92 33.62 2.25
N ARG A 52 -3.72 33.76 1.68
CA ARG A 52 -3.13 35.08 1.51
C ARG A 52 -3.80 35.87 0.40
N LYS A 53 -4.50 35.20 -0.52
CA LYS A 53 -5.24 35.92 -1.55
C LYS A 53 -6.62 36.33 -1.05
N GLU A 54 -7.19 35.55 -0.12
CA GLU A 54 -8.47 35.94 0.47
C GLU A 54 -8.28 37.08 1.46
N GLN A 55 -7.16 37.09 2.19
CA GLN A 55 -6.90 38.17 3.13
C GLN A 55 -6.64 39.49 2.42
N GLU A 56 -6.12 39.44 1.20
CA GLU A 56 -5.96 40.66 0.41
C GLU A 56 -7.32 41.21 -0.03
N LEU A 57 -8.24 40.33 -0.40
CA LEU A 57 -9.58 40.78 -0.78
C LEU A 57 -10.37 41.26 0.42
N GLU A 58 -10.10 40.70 1.62
CA GLU A 58 -10.83 41.10 2.81
C GLU A 58 -10.37 42.47 3.31
N GLN A 59 -9.07 42.79 3.14
CA GLN A 59 -8.55 44.08 3.55
C GLN A 59 -8.80 45.18 2.55
N LEU A 60 -9.31 44.85 1.36
CA LEU A 60 -9.52 45.85 0.32
C LEU A 60 -10.86 46.54 0.51
N ILE A 61 -10.84 47.87 0.44
CA ILE A 61 -12.05 48.68 0.48
C ILE A 61 -12.40 49.01 -0.97
N MET A 62 -13.48 48.39 -1.47
CA MET A 62 -13.82 48.50 -2.88
C MET A 62 -15.32 48.67 -3.11
N ASP A 63 -16.11 48.84 -2.07
CA ASP A 63 -17.54 49.07 -2.23
C ASP A 63 -18.14 49.75 -0.99
N ARG B 4 5.43 -37.01 13.39
CA ARG B 4 4.50 -36.62 12.34
C ARG B 4 4.75 -35.17 11.95
N MET B 5 4.89 -34.93 10.64
CA MET B 5 5.07 -33.58 10.13
C MET B 5 3.76 -32.80 10.26
N GLN B 6 3.83 -31.63 10.88
CA GLN B 6 2.65 -30.80 11.07
C GLN B 6 2.13 -30.30 9.73
N ASP B 7 0.82 -30.22 9.60
CA ASP B 7 0.13 -29.70 8.41
C ASP B 7 -0.18 -28.22 8.64
N ALA B 8 0.50 -27.35 7.89
CA ALA B 8 0.31 -25.92 8.01
C ALA B 8 -0.62 -25.36 6.93
N THR B 9 -1.37 -26.23 6.25
CA THR B 9 -2.20 -25.78 5.15
C THR B 9 -3.18 -24.70 5.59
N ASP B 10 -3.83 -24.90 6.74
CA ASP B 10 -4.82 -23.90 7.15
C ASP B 10 -4.17 -22.55 7.46
N THR B 11 -2.93 -22.55 7.96
CA THR B 11 -2.21 -21.29 8.14
C THR B 11 -2.04 -20.59 6.80
N VAL B 12 -1.61 -21.35 5.79
CA VAL B 12 -1.37 -20.78 4.46
C VAL B 12 -2.68 -20.29 3.86
N ARG B 13 -3.78 -21.04 4.03
CA ARG B 13 -5.08 -20.59 3.53
C ARG B 13 -5.48 -19.27 4.17
N GLY B 14 -5.14 -19.07 5.45
CA GLY B 14 -5.45 -17.81 6.10
C GLY B 14 -4.63 -16.66 5.53
N LEU B 15 -3.38 -16.95 5.18
CA LEU B 15 -2.55 -15.91 4.56
C LEU B 15 -3.08 -15.54 3.18
N VAL B 16 -3.59 -16.51 2.43
CA VAL B 16 -4.20 -16.21 1.13
C VAL B 16 -5.43 -15.32 1.29
N VAL B 17 -6.27 -15.60 2.28
CA VAL B 17 -7.44 -14.73 2.49
C VAL B 17 -6.98 -13.32 2.84
N GLU B 18 -5.95 -13.21 3.67
CA GLU B 18 -5.45 -11.90 4.09
C GLU B 18 -4.87 -11.14 2.91
N LEU B 19 -3.98 -11.77 2.15
CA LEU B 19 -3.38 -11.08 1.02
C LEU B 19 -4.40 -10.79 -0.07
N SER B 20 -5.40 -11.66 -0.26
CA SER B 20 -6.43 -11.38 -1.25
CA SER B 20 -6.43 -11.38 -1.25
C SER B 20 -7.17 -10.09 -0.92
N GLY B 21 -7.49 -9.89 0.36
CA GLY B 21 -8.16 -8.66 0.76
C GLY B 21 -7.27 -7.45 0.61
N LEU B 22 -5.96 -7.61 0.88
CA LEU B 22 -5.05 -6.48 0.70
C LEU B 22 -4.92 -6.14 -0.78
N ASN B 23 -4.94 -7.14 -1.65
CA ASN B 23 -4.88 -6.89 -3.08
C ASN B 23 -6.13 -6.16 -3.57
N ARG B 24 -7.30 -6.51 -3.04
CA ARG B 24 -8.50 -5.74 -3.37
C ARG B 24 -8.32 -4.26 -3.00
N LEU B 25 -7.78 -3.99 -1.81
CA LEU B 25 -7.59 -2.61 -1.40
C LEU B 25 -6.61 -1.89 -2.30
N ILE B 26 -5.53 -2.57 -2.67
CA ILE B 26 -4.56 -1.97 -3.58
C ILE B 26 -5.24 -1.65 -4.91
N MET B 27 -5.97 -2.61 -5.46
CA MET B 27 -6.57 -2.40 -6.78
C MET B 27 -7.61 -1.29 -6.75
N SER B 28 -8.46 -1.27 -5.72
CA SER B 28 -9.49 -0.24 -5.68
C SER B 28 -8.88 1.14 -5.48
N THR B 29 -7.87 1.24 -4.62
CA THR B 29 -7.21 2.53 -4.43
C THR B 29 -6.51 2.98 -5.72
N HIS B 30 -5.81 2.06 -6.38
CA HIS B 30 -5.14 2.39 -7.64
C HIS B 30 -6.15 2.85 -8.70
N ARG B 31 -7.30 2.19 -8.78
CA ARG B 31 -8.29 2.59 -9.77
C ARG B 31 -8.91 3.94 -9.43
N ASP B 32 -9.07 4.24 -8.14
CA ASP B 32 -9.57 5.55 -7.76
C ASP B 32 -8.62 6.65 -8.22
N LEU B 33 -7.32 6.48 -7.93
CA LEU B 33 -6.35 7.49 -8.31
C LEU B 33 -6.20 7.56 -9.82
N GLU B 34 -6.40 6.42 -10.50
CA GLU B 34 -6.34 6.40 -11.95
C GLU B 34 -7.50 7.18 -12.56
N ALA B 35 -8.69 7.07 -11.97
CA ALA B 35 -9.86 7.75 -12.50
C ALA B 35 -9.80 9.25 -12.27
N PHE B 36 -9.14 9.69 -11.19
CA PHE B 36 -9.09 11.12 -10.89
C PHE B 36 -8.31 11.88 -11.94
N LYS B 37 -7.18 11.34 -12.39
CA LYS B 37 -6.30 12.03 -13.31
C LYS B 37 -6.16 11.27 -14.63
N GLU C 4 -4.20 -32.89 -5.01
CA GLU C 4 -4.05 -32.26 -3.70
C GLU C 4 -2.87 -32.87 -2.96
N GLU C 5 -1.69 -32.86 -3.59
CA GLU C 5 -0.49 -33.36 -2.94
C GLU C 5 0.08 -32.29 -2.02
N PHE C 6 0.97 -32.72 -1.15
CA PHE C 6 1.66 -31.84 -0.21
C PHE C 6 3.03 -31.46 -0.75
N VAL C 7 3.49 -30.27 -0.40
CA VAL C 7 4.90 -29.91 -0.43
C VAL C 7 5.34 -29.66 1.00
N LYS C 8 6.65 -29.74 1.24
CA LYS C 8 7.23 -29.44 2.54
C LYS C 8 7.97 -28.12 2.49
N VAL C 9 7.96 -27.43 3.62
CA VAL C 9 8.62 -26.14 3.80
C VAL C 9 9.23 -26.11 5.19
N ARG C 10 10.44 -25.58 5.31
CA ARG C 10 11.03 -25.40 6.62
C ARG C 10 10.10 -24.52 7.45
N LYS C 11 9.81 -24.99 8.69
CA LYS C 11 8.86 -24.33 9.57
C LYS C 11 9.26 -22.88 9.84
N LYS C 12 10.55 -22.64 10.07
CA LYS C 12 10.97 -21.28 10.40
C LYS C 12 10.78 -20.34 9.21
N ASP C 13 10.92 -20.83 7.98
CA ASP C 13 10.73 -19.97 6.83
C ASP C 13 9.27 -19.60 6.66
N LEU C 14 8.36 -20.55 6.91
CA LEU C 14 6.93 -20.22 6.85
C LEU C 14 6.56 -19.23 7.95
N GLU C 15 7.19 -19.34 9.12
CA GLU C 15 6.96 -18.38 10.19
C GLU C 15 7.39 -16.99 9.75
N ARG C 16 8.53 -16.88 9.08
CA ARG C 16 8.97 -15.59 8.56
C ARG C 16 7.95 -15.02 7.58
N LEU C 17 7.43 -15.87 6.70
CA LEU C 17 6.45 -15.39 5.72
C LEU C 17 5.21 -14.86 6.43
N THR C 18 4.72 -15.60 7.43
CA THR C 18 3.56 -15.13 8.18
C THR C 18 3.82 -13.78 8.81
N THR C 19 5.01 -13.59 9.39
CA THR C 19 5.33 -12.31 10.01
C THR C 19 5.24 -11.17 9.00
N GLU C 20 5.81 -11.37 7.81
CA GLU C 20 5.79 -10.30 6.82
C GLU C 20 4.36 -10.02 6.37
N VAL C 21 3.55 -11.06 6.18
CA VAL C 21 2.17 -10.83 5.76
C VAL C 21 1.44 -10.00 6.81
N MET C 22 1.65 -10.32 8.09
CA MET C 22 0.93 -9.62 9.16
C MET C 22 1.36 -8.16 9.26
N GLN C 23 2.61 -7.85 8.92
CA GLN C 23 3.04 -6.46 8.88
C GLN C 23 2.34 -5.67 7.78
N ILE C 24 2.06 -6.29 6.63
CA ILE C 24 1.30 -5.59 5.59
C ILE C 24 -0.13 -5.35 6.06
N ARG C 25 -0.77 -6.38 6.60
CA ARG C 25 -2.07 -6.24 7.27
C ARG C 25 -2.08 -5.04 8.20
N ASP C 26 -1.02 -4.89 8.99
CA ASP C 26 -1.02 -3.90 10.07
C ASP C 26 -0.92 -2.48 9.53
N PHE C 27 -0.06 -2.24 8.54
CA PHE C 27 0.25 -0.88 8.14
C PHE C 27 -0.30 -0.45 6.78
N LEU C 28 -0.56 -1.37 5.87
CA LEU C 28 -1.02 -0.93 4.55
C LEU C 28 -2.31 -0.12 4.63
N PRO C 29 -3.33 -0.51 5.42
CA PRO C 29 -4.55 0.32 5.48
C PRO C 29 -4.33 1.70 6.11
N ARG C 30 -3.22 1.92 6.80
CA ARG C 30 -2.90 3.23 7.34
C ARG C 30 -2.34 4.18 6.30
N ILE C 31 -2.05 3.69 5.10
CA ILE C 31 -1.73 4.54 3.96
C ILE C 31 -2.84 4.51 2.92
N LEU C 32 -3.27 3.30 2.54
CA LEU C 32 -4.28 3.15 1.50
C LEU C 32 -5.64 3.31 2.15
N ASN C 33 -6.15 4.52 2.11
CA ASN C 33 -7.47 4.87 2.60
C ASN C 33 -7.91 6.11 1.83
N GLY C 34 -9.09 6.62 2.18
CA GLY C 34 -9.68 7.71 1.43
C GLY C 34 -8.90 9.02 1.48
N GLU C 35 -7.93 9.14 2.38
CA GLU C 35 -7.22 10.40 2.52
C GLU C 35 -6.31 10.68 1.33
N LEU C 36 -5.89 9.65 0.59
CA LEU C 36 -5.07 9.88 -0.59
C LEU C 36 -5.88 10.56 -1.69
N LEU C 37 -7.02 9.98 -2.06
CA LEU C 37 -7.86 10.60 -3.09
C LEU C 37 -8.37 11.96 -2.63
N GLU C 38 -8.71 12.09 -1.35
CA GLU C 38 -9.18 13.37 -0.83
C GLU C 38 -8.12 14.45 -1.03
N SER C 39 -6.85 14.10 -0.82
CA SER C 39 -5.79 15.09 -1.00
C SER C 39 -5.71 15.53 -2.46
N PHE C 40 -5.85 14.60 -3.40
CA PHE C 40 -5.81 14.97 -4.81
C PHE C 40 -7.00 15.83 -5.19
N GLN C 41 -8.19 15.50 -4.67
CA GLN C 41 -9.38 16.27 -5.00
C GLN C 41 -9.32 17.67 -4.41
N LYS C 42 -8.94 17.78 -3.14
CA LYS C 42 -8.85 19.10 -2.51
C LYS C 42 -7.84 19.98 -3.24
N LEU C 43 -6.77 19.39 -3.75
CA LEU C 43 -5.74 20.18 -4.44
C LEU C 43 -6.29 20.81 -5.72
N LYS C 44 -7.08 20.06 -6.49
CA LYS C 44 -7.68 20.63 -7.69
C LYS C 44 -8.72 21.68 -7.35
N MET C 45 -9.40 21.53 -6.20
CA MET C 45 -10.42 22.50 -5.82
C MET C 45 -9.79 23.81 -5.37
N VAL C 46 -8.77 23.73 -4.52
CA VAL C 46 -8.15 24.95 -4.00
C VAL C 46 -7.38 25.67 -5.10
N GLU C 47 -6.78 24.93 -6.04
CA GLU C 47 -6.08 25.57 -7.15
C GLU C 47 -7.03 26.42 -7.98
N LYS C 48 -8.23 25.92 -8.25
CA LYS C 48 -9.20 26.69 -9.03
C LYS C 48 -9.69 27.90 -8.24
N ASN C 49 -9.87 27.74 -6.92
CA ASN C 49 -10.29 28.86 -6.10
C ASN C 49 -9.19 29.92 -6.03
N LEU C 50 -7.93 29.49 -6.01
CA LEU C 50 -6.82 30.45 -5.98
C LEU C 50 -6.80 31.28 -7.27
N GLU C 51 -6.89 30.61 -8.43
CA GLU C 51 -6.86 31.33 -9.69
C GLU C 51 -8.07 32.26 -9.82
N ARG C 52 -9.22 31.84 -9.29
CA ARG C 52 -10.40 32.71 -9.34
C ARG C 52 -10.19 33.97 -8.50
N LYS C 53 -9.69 33.81 -7.27
CA LYS C 53 -9.45 34.96 -6.42
C LYS C 53 -8.24 35.78 -6.86
N GLU C 54 -7.33 35.18 -7.64
CA GLU C 54 -6.24 35.95 -8.21
C GLU C 54 -6.76 36.92 -9.27
N GLN C 55 -7.66 36.46 -10.14
CA GLN C 55 -8.24 37.34 -11.15
C GLN C 55 -9.19 38.35 -10.52
N GLU C 56 -9.90 37.95 -9.46
CA GLU C 56 -10.80 38.89 -8.79
C GLU C 56 -10.04 40.08 -8.22
N LEU C 57 -8.92 39.81 -7.55
CA LEU C 57 -8.12 40.92 -7.00
C LEU C 57 -7.52 41.77 -8.10
N GLU C 58 -7.20 41.17 -9.25
CA GLU C 58 -6.62 41.95 -10.34
C GLU C 58 -7.62 42.95 -10.91
N GLN C 59 -8.88 42.55 -11.04
CA GLN C 59 -9.92 43.44 -11.56
C GLN C 59 -10.34 44.49 -10.54
N LEU C 60 -9.87 44.39 -9.29
CA LEU C 60 -10.28 45.31 -8.24
C LEU C 60 -9.20 46.33 -7.88
N ILE C 61 -7.93 45.98 -8.00
CA ILE C 61 -6.86 46.93 -7.71
C ILE C 61 -6.23 47.42 -9.02
N GLY D 1 8.03 -43.02 3.66
CA GLY D 1 7.73 -44.02 2.65
C GLY D 1 8.56 -43.84 1.39
N SER D 2 8.17 -44.55 0.32
CA SER D 2 8.93 -44.48 -0.92
C SER D 2 8.74 -43.15 -1.63
N MET D 3 7.60 -42.49 -1.42
CA MET D 3 7.30 -41.22 -2.07
C MET D 3 7.55 -40.09 -1.08
N ARG D 4 8.23 -39.05 -1.55
CA ARG D 4 8.60 -37.91 -0.71
C ARG D 4 8.06 -36.63 -1.31
N MET D 5 7.89 -35.62 -0.45
CA MET D 5 7.33 -34.35 -0.87
C MET D 5 8.39 -33.47 -1.51
N GLN D 6 8.00 -32.72 -2.54
CA GLN D 6 8.87 -31.67 -3.06
C GLN D 6 9.13 -30.65 -1.95
N ASP D 7 10.36 -30.14 -1.92
CA ASP D 7 10.77 -29.10 -0.96
C ASP D 7 10.54 -27.74 -1.61
N ALA D 8 9.56 -27.00 -1.10
CA ALA D 8 9.25 -25.66 -1.57
C ALA D 8 9.82 -24.58 -0.66
N THR D 9 10.79 -24.92 0.19
CA THR D 9 11.39 -23.93 1.06
C THR D 9 11.96 -22.74 0.27
N ASP D 10 12.68 -23.00 -0.83
CA ASP D 10 13.30 -21.88 -1.52
C ASP D 10 12.26 -20.95 -2.13
N THR D 11 11.10 -21.47 -2.57
CA THR D 11 10.01 -20.61 -3.01
C THR D 11 9.53 -19.71 -1.87
N VAL D 12 9.30 -20.30 -0.70
CA VAL D 12 8.90 -19.50 0.46
C VAL D 12 9.96 -18.46 0.79
N ARG D 13 11.24 -18.82 0.73
CA ARG D 13 12.28 -17.84 1.02
C ARG D 13 12.22 -16.67 0.06
N GLY D 14 11.97 -16.94 -1.22
CA GLY D 14 11.80 -15.86 -2.17
C GLY D 14 10.60 -14.96 -1.87
N LEU D 15 9.49 -15.56 -1.42
CA LEU D 15 8.33 -14.77 -1.04
C LEU D 15 8.65 -13.88 0.17
N VAL D 16 9.40 -14.41 1.13
CA VAL D 16 9.78 -13.62 2.31
C VAL D 16 10.56 -12.39 1.88
N VAL D 17 11.55 -12.58 0.99
CA VAL D 17 12.33 -11.45 0.47
C VAL D 17 11.42 -10.45 -0.22
N GLU D 18 10.51 -10.93 -1.06
CA GLU D 18 9.60 -10.01 -1.75
C GLU D 18 8.79 -9.19 -0.77
N LEU D 19 8.17 -9.86 0.20
CA LEU D 19 7.30 -9.15 1.15
C LEU D 19 8.10 -8.25 2.06
N SER D 20 9.28 -8.69 2.50
CA SER D 20 10.14 -7.83 3.31
CA SER D 20 10.14 -7.83 3.31
C SER D 20 10.38 -6.50 2.60
N GLY D 21 10.65 -6.54 1.30
CA GLY D 21 10.90 -5.31 0.56
C GLY D 21 9.64 -4.48 0.41
N LEU D 22 8.50 -5.13 0.23
CA LEU D 22 7.26 -4.38 0.15
C LEU D 22 6.96 -3.70 1.47
N ASN D 23 7.29 -4.37 2.59
CA ASN D 23 7.11 -3.76 3.90
C ASN D 23 8.05 -2.59 4.10
N ARG D 24 9.26 -2.65 3.54
CA ARG D 24 10.16 -1.48 3.59
C ARG D 24 9.54 -0.28 2.88
N LEU D 25 8.89 -0.52 1.74
CA LEU D 25 8.23 0.55 1.01
C LEU D 25 7.02 1.10 1.77
N ILE D 26 6.24 0.20 2.39
CA ILE D 26 5.10 0.66 3.17
C ILE D 26 5.58 1.53 4.32
N MET D 27 6.59 1.06 5.06
CA MET D 27 7.02 1.79 6.25
C MET D 27 7.65 3.14 5.90
N SER D 28 8.46 3.17 4.84
CA SER D 28 9.10 4.43 4.47
CA SER D 28 9.10 4.43 4.45
C SER D 28 8.07 5.44 3.98
N THR D 29 7.09 4.98 3.19
CA THR D 29 6.05 5.88 2.69
C THR D 29 5.19 6.39 3.86
N HIS D 30 4.80 5.47 4.75
CA HIS D 30 4.02 5.86 5.92
C HIS D 30 4.75 6.89 6.77
N ARG D 31 6.06 6.70 6.96
CA ARG D 31 6.81 7.65 7.78
C ARG D 31 6.95 9.00 7.08
N ASP D 32 7.11 8.98 5.75
CA ASP D 32 7.15 10.23 5.00
C ASP D 32 5.86 11.03 5.21
N LEU D 33 4.71 10.37 5.05
CA LEU D 33 3.45 11.07 5.22
C LEU D 33 3.25 11.49 6.67
N GLU D 34 3.75 10.66 7.58
CA GLU D 34 3.68 11.00 9.00
C GLU D 34 4.49 12.24 9.32
N ALA D 35 5.69 12.33 8.73
CA ALA D 35 6.58 13.45 9.03
C ALA D 35 6.04 14.77 8.51
N PHE D 36 5.24 14.73 7.45
CA PHE D 36 4.73 15.96 6.86
C PHE D 36 3.41 16.40 7.47
N LYS D 37 2.50 15.45 7.71
CA LYS D 37 1.16 15.76 8.17
C LYS D 37 1.10 15.93 9.68
#